data_2WJI
#
_entry.id   2WJI
#
_cell.length_a   49.550
_cell.length_b   68.450
_cell.length_c   52.990
_cell.angle_alpha   90.00
_cell.angle_beta   96.97
_cell.angle_gamma   90.00
#
_symmetry.space_group_name_H-M   'P 1 21 1'
#
loop_
_entity.id
_entity.type
_entity.pdbx_description
1 polymer 'FERROUS IRON TRANSPORT PROTEIN B HOMOLOG'
2 non-polymer 'PHOSPHOAMINOPHOSPHONIC ACID-GUANYLATE ESTER'
3 non-polymer 'MAGNESIUM ION'
4 non-polymer 'PHOSPHATE ION'
5 water water
#
_entity_poly.entity_id   1
_entity_poly.type   'polypeptide(L)'
_entity_poly.pdbx_seq_one_letter_code
;MKSYEIALIGNPNVGKSTIFNALTGENVYIGNWPGVTVEKKEGEFEYNGEKFKVVDLPGVYSLTANSIDEIIARDYIINE
KPDLVVNIVDATALERNLYLTLQLMEMGANLLLALNKMDLAKSLGIEIDVDKLEKILGVKVVPLSAAKKMGIEELKKAIS
IAVKD
;
_entity_poly.pdbx_strand_id   A,B
#
# COMPACT_ATOMS: atom_id res chain seq x y z
N MET A 1 -32.94 19.66 11.15
CA MET A 1 -31.92 19.78 10.12
C MET A 1 -31.89 18.56 9.22
N LYS A 2 -31.82 18.76 7.91
CA LYS A 2 -31.75 17.66 6.96
C LYS A 2 -30.45 16.87 7.13
N SER A 3 -30.55 15.54 7.15
CA SER A 3 -29.38 14.69 7.29
C SER A 3 -29.24 13.72 6.12
N TYR A 4 -28.00 13.34 5.82
CA TYR A 4 -27.70 12.35 4.79
C TYR A 4 -26.81 11.26 5.38
N GLU A 5 -26.87 10.06 4.80
CA GLU A 5 -26.00 8.96 5.25
C GLU A 5 -24.86 8.68 4.27
N ILE A 6 -23.63 8.69 4.79
CA ILE A 6 -22.42 8.57 4.00
C ILE A 6 -21.57 7.41 4.52
N ALA A 7 -21.05 6.57 3.62
CA ALA A 7 -20.14 5.49 4.00
C ALA A 7 -18.77 5.69 3.36
N LEU A 8 -17.72 5.47 4.14
CA LEU A 8 -16.35 5.46 3.64
C LEU A 8 -15.96 4.01 3.35
N ILE A 9 -15.39 3.77 2.18
CA ILE A 9 -14.98 2.40 1.85
C ILE A 9 -13.73 2.47 1.00
N GLY A 10 -12.86 1.48 1.17
CA GLY A 10 -11.60 1.44 0.44
C GLY A 10 -10.66 0.33 0.93
N ASN A 11 -9.61 0.09 0.16
CA ASN A 11 -8.57 -0.89 0.53
C ASN A 11 -7.96 -0.65 1.92
N PRO A 12 -7.50 -1.73 2.56
CA PRO A 12 -6.69 -1.53 3.77
C PRO A 12 -5.62 -0.45 3.59
N ASN A 13 -5.46 0.38 4.62
CA ASN A 13 -4.33 1.29 4.69
C ASN A 13 -4.40 2.53 3.79
N VAL A 14 -5.56 2.81 3.20
CA VAL A 14 -5.66 3.96 2.28
C VAL A 14 -5.84 5.31 2.98
N GLY A 15 -6.20 5.28 4.26
CA GLY A 15 -6.44 6.52 5.00
C GLY A 15 -7.90 6.70 5.39
N LYS A 16 -8.61 5.60 5.55
CA LYS A 16 -10.01 5.71 5.94
C LYS A 16 -10.17 6.39 7.31
N SER A 17 -9.45 5.89 8.31
CA SER A 17 -9.56 6.45 9.65
C SER A 17 -9.08 7.90 9.71
N THR A 18 -7.98 8.18 9.01
CA THR A 18 -7.42 9.54 8.95
C THR A 18 -8.47 10.51 8.42
N ILE A 19 -9.16 10.11 7.36
CA ILE A 19 -10.21 10.93 6.78
C ILE A 19 -11.45 11.00 7.69
N PHE A 20 -11.81 9.87 8.29
CA PHE A 20 -12.93 9.85 9.24
C PHE A 20 -12.71 10.84 10.39
N ASN A 21 -11.54 10.77 11.04
CA ASN A 21 -11.21 11.75 12.09
C ASN A 21 -11.25 13.18 11.58
N ALA A 22 -10.65 13.42 10.42
CA ALA A 22 -10.59 14.75 9.84
C ALA A 22 -11.98 15.34 9.57
N LEU A 23 -12.90 14.50 9.10
CA LEU A 23 -14.26 14.97 8.76
C LEU A 23 -15.10 15.21 10.00
N THR A 24 -15.01 14.27 10.96
CA THR A 24 -15.97 14.19 12.06
C THR A 24 -15.39 14.67 13.39
N GLY A 25 -14.06 14.75 13.48
CA GLY A 25 -13.40 15.16 14.69
C GLY A 25 -13.32 14.05 15.74
N GLU A 26 -13.70 12.84 15.34
CA GLU A 26 -13.67 11.69 16.23
C GLU A 26 -12.25 11.09 16.29
N ASN A 27 -12.01 10.29 17.32
CA ASN A 27 -10.73 9.60 17.49
C ASN A 27 -9.55 10.53 17.27
N VAL A 28 -9.40 11.52 18.16
CA VAL A 28 -8.39 12.57 18.01
C VAL A 28 -6.95 12.06 17.88
N TYR A 29 -6.73 10.79 18.20
CA TYR A 29 -5.43 10.17 18.00
C TYR A 29 -5.61 8.66 17.87
N ILE A 30 -5.77 8.19 16.65
CA ILE A 30 -6.11 6.79 16.39
C ILE A 30 -4.90 5.95 15.99
N GLY A 31 -4.83 4.72 16.52
CA GLY A 31 -3.76 3.80 16.20
C GLY A 31 -2.38 4.40 16.42
N THR A 37 -7.97 4.66 21.55
CA THR A 37 -7.71 3.23 21.43
C THR A 37 -8.92 2.46 20.88
N VAL A 38 -10.12 2.85 21.32
CA VAL A 38 -11.35 2.17 20.90
C VAL A 38 -12.04 2.94 19.77
N GLU A 39 -11.54 2.76 18.55
CA GLU A 39 -11.94 3.59 17.42
C GLU A 39 -13.44 3.66 17.18
N LYS A 40 -13.97 4.87 17.11
CA LYS A 40 -15.36 5.07 16.70
C LYS A 40 -15.46 4.94 15.18
N LYS A 41 -16.49 4.24 14.72
CA LYS A 41 -16.68 4.01 13.29
C LYS A 41 -17.92 4.78 12.79
N GLU A 42 -18.58 5.48 13.70
CA GLU A 42 -19.72 6.33 13.33
C GLU A 42 -19.56 7.73 13.90
N GLY A 43 -19.96 8.73 13.10
CA GLY A 43 -19.85 10.11 13.51
C GLY A 43 -20.61 10.99 12.54
N GLU A 44 -20.36 12.29 12.59
CA GLU A 44 -21.04 13.21 11.68
C GLU A 44 -20.29 14.54 11.57
N PHE A 45 -20.55 15.26 10.48
CA PHE A 45 -20.16 16.67 10.36
C PHE A 45 -21.30 17.45 9.74
N GLU A 46 -21.23 18.77 9.88
CA GLU A 46 -22.24 19.67 9.35
C GLU A 46 -21.58 20.43 8.20
N TYR A 47 -22.30 20.66 7.12
CA TYR A 47 -21.78 21.50 6.05
C TYR A 47 -22.91 22.26 5.33
N ASN A 48 -22.77 23.58 5.24
CA ASN A 48 -23.78 24.43 4.63
C ASN A 48 -25.20 24.10 5.08
N GLY A 49 -25.40 24.05 6.39
CA GLY A 49 -26.73 23.89 6.94
C GLY A 49 -27.29 22.46 6.88
N GLU A 50 -26.46 21.49 6.49
CA GLU A 50 -26.95 20.11 6.45
C GLU A 50 -26.06 19.17 7.24
N LYS A 51 -26.63 18.05 7.67
CA LYS A 51 -25.90 17.12 8.51
C LYS A 51 -25.54 15.86 7.74
N PHE A 52 -24.31 15.40 7.90
CA PHE A 52 -23.81 14.23 7.19
C PHE A 52 -23.30 13.19 8.19
N LYS A 53 -24.05 12.10 8.30
CA LYS A 53 -23.68 11.00 9.18
C LYS A 53 -22.71 10.08 8.45
N VAL A 54 -21.58 9.80 9.07
CA VAL A 54 -20.51 9.06 8.42
C VAL A 54 -20.27 7.71 9.10
N VAL A 55 -20.17 6.67 8.29
CA VAL A 55 -19.78 5.35 8.77
C VAL A 55 -18.53 4.88 8.03
N ASP A 56 -17.57 4.37 8.80
CA ASP A 56 -16.29 3.92 8.27
C ASP A 56 -16.38 2.40 8.16
N LEU A 57 -16.44 1.90 6.94
CA LEU A 57 -16.57 0.46 6.69
C LEU A 57 -15.20 -0.22 6.71
N PRO A 58 -15.19 -1.50 7.09
CA PRO A 58 -13.95 -2.29 7.17
C PRO A 58 -13.22 -2.28 5.83
N GLY A 59 -11.90 -2.18 5.88
CA GLY A 59 -11.08 -2.19 4.69
C GLY A 59 -11.26 -3.46 3.89
N VAL A 60 -11.49 -3.31 2.59
CA VAL A 60 -11.69 -4.46 1.72
C VAL A 60 -10.99 -4.23 0.38
N TYR A 61 -10.60 -5.32 -0.28
CA TYR A 61 -9.99 -5.22 -1.61
C TYR A 61 -11.02 -5.45 -2.71
N SER A 62 -12.13 -6.07 -2.34
CA SER A 62 -13.22 -6.35 -3.27
C SER A 62 -14.51 -6.64 -2.49
N LEU A 63 -15.60 -6.89 -3.20
CA LEU A 63 -16.87 -7.18 -2.56
C LEU A 63 -17.45 -8.56 -2.90
N THR A 64 -16.57 -9.54 -3.01
CA THR A 64 -17.00 -10.93 -3.12
C THR A 64 -17.27 -11.39 -1.69
N ALA A 65 -17.49 -12.69 -1.51
CA ALA A 65 -17.82 -13.20 -0.18
C ALA A 65 -16.69 -14.04 0.41
N ASN A 66 -15.54 -13.42 0.65
CA ASN A 66 -14.33 -14.15 1.01
C ASN A 66 -13.84 -13.92 2.44
N SER A 67 -14.42 -12.92 3.10
CA SER A 67 -14.01 -12.59 4.46
C SER A 67 -15.18 -11.97 5.21
N ILE A 68 -15.08 -11.89 6.54
CA ILE A 68 -16.15 -11.28 7.33
C ILE A 68 -16.32 -9.82 6.91
N ASP A 69 -15.20 -9.13 6.76
CA ASP A 69 -15.22 -7.72 6.40
C ASP A 69 -15.88 -7.48 5.05
N GLU A 70 -15.58 -8.32 4.06
CA GLU A 70 -16.19 -8.13 2.74
C GLU A 70 -17.72 -8.32 2.80
N ILE A 71 -18.17 -9.29 3.60
CA ILE A 71 -19.60 -9.53 3.78
C ILE A 71 -20.25 -8.35 4.48
N ILE A 72 -19.58 -7.82 5.50
CA ILE A 72 -20.10 -6.67 6.25
C ILE A 72 -20.23 -5.43 5.35
N ALA A 73 -19.19 -5.15 4.57
CA ALA A 73 -19.19 -4.01 3.65
C ALA A 73 -20.31 -4.12 2.61
N ARG A 74 -20.40 -5.28 1.98
CA ARG A 74 -21.40 -5.49 0.93
C ARG A 74 -22.84 -5.39 1.43
N ASP A 75 -23.12 -5.99 2.58
CA ASP A 75 -24.45 -5.93 3.18
C ASP A 75 -24.85 -4.49 3.52
N TYR A 76 -23.90 -3.69 3.95
CA TYR A 76 -24.22 -2.31 4.29
C TYR A 76 -24.67 -1.52 3.07
N ILE A 77 -23.90 -1.61 1.98
CA ILE A 77 -24.23 -0.85 0.79
C ILE A 77 -25.58 -1.27 0.19
N ILE A 78 -25.82 -2.59 0.14
CA ILE A 78 -27.05 -3.15 -0.43
C ILE A 78 -28.29 -2.89 0.41
N ASN A 79 -28.19 -3.16 1.70
CA ASN A 79 -29.35 -3.09 2.59
C ASN A 79 -29.54 -1.73 3.24
N GLU A 80 -28.45 -1.07 3.59
CA GLU A 80 -28.55 0.24 4.25
C GLU A 80 -28.65 1.39 3.26
N LYS A 81 -28.26 1.14 2.01
CA LYS A 81 -28.46 2.11 0.94
C LYS A 81 -27.96 3.53 1.28
N PRO A 82 -26.65 3.68 1.54
CA PRO A 82 -26.11 5.02 1.83
C PRO A 82 -26.47 6.01 0.72
N ASP A 83 -26.71 7.26 1.09
CA ASP A 83 -26.94 8.33 0.11
C ASP A 83 -25.70 8.55 -0.75
N LEU A 84 -24.52 8.32 -0.18
CA LEU A 84 -23.28 8.46 -0.94
C LEU A 84 -22.26 7.47 -0.43
N VAL A 85 -21.56 6.80 -1.35
CA VAL A 85 -20.42 5.98 -0.98
C VAL A 85 -19.17 6.76 -1.36
N VAL A 86 -18.34 7.08 -0.37
CA VAL A 86 -17.10 7.78 -0.63
C VAL A 86 -15.99 6.72 -0.74
N ASN A 87 -15.57 6.45 -1.97
CA ASN A 87 -14.56 5.43 -2.21
C ASN A 87 -13.18 6.07 -2.08
N ILE A 88 -12.49 5.74 -1.00
CA ILE A 88 -11.17 6.31 -0.73
C ILE A 88 -10.12 5.44 -1.41
N VAL A 89 -9.29 6.07 -2.23
CA VAL A 89 -8.28 5.36 -2.99
C VAL A 89 -6.90 5.97 -2.78
N ASP A 90 -5.87 5.12 -2.81
CA ASP A 90 -4.49 5.56 -2.64
C ASP A 90 -3.94 6.01 -3.98
N ALA A 91 -3.56 7.28 -4.07
CA ALA A 91 -3.03 7.84 -5.32
C ALA A 91 -1.80 7.10 -5.81
N THR A 92 -1.07 6.44 -4.90
CA THR A 92 0.16 5.73 -5.28
C THR A 92 -0.05 4.25 -5.60
N ALA A 93 -1.30 3.79 -5.58
CA ALA A 93 -1.60 2.42 -5.95
C ALA A 93 -2.95 2.34 -6.64
N LEU A 94 -3.08 3.08 -7.73
CA LEU A 94 -4.39 3.27 -8.35
C LEU A 94 -4.97 1.97 -8.90
N GLU A 95 -4.19 1.24 -9.69
CA GLU A 95 -4.66 0.01 -10.33
C GLU A 95 -5.24 -0.97 -9.32
N ARG A 96 -4.51 -1.18 -8.22
CA ARG A 96 -4.98 -2.05 -7.15
C ARG A 96 -6.33 -1.63 -6.56
N ASN A 97 -6.50 -0.33 -6.36
CA ASN A 97 -7.70 0.20 -5.71
C ASN A 97 -8.92 0.17 -6.63
N LEU A 98 -8.68 0.43 -7.91
CA LEU A 98 -9.76 0.53 -8.88
C LEU A 98 -10.54 -0.77 -9.06
N TYR A 99 -10.02 -1.87 -8.53
CA TYR A 99 -10.75 -3.13 -8.58
C TYR A 99 -12.02 -3.04 -7.75
N LEU A 100 -11.86 -2.58 -6.51
CA LEU A 100 -13.00 -2.36 -5.63
C LEU A 100 -13.93 -1.33 -6.26
N THR A 101 -13.33 -0.28 -6.82
CA THR A 101 -14.08 0.81 -7.45
C THR A 101 -15.07 0.33 -8.51
N LEU A 102 -14.64 -0.60 -9.35
CA LEU A 102 -15.49 -1.14 -10.42
C LEU A 102 -16.68 -1.93 -9.89
N GLN A 103 -16.46 -2.69 -8.83
CA GLN A 103 -17.54 -3.44 -8.19
C GLN A 103 -18.59 -2.50 -7.58
N LEU A 104 -18.14 -1.36 -7.03
CA LEU A 104 -19.06 -0.38 -6.46
C LEU A 104 -19.94 0.24 -7.54
N MET A 105 -19.34 0.56 -8.68
CA MET A 105 -20.10 1.08 -9.82
C MET A 105 -21.12 0.04 -10.27
N GLU A 106 -20.68 -1.22 -10.35
CA GLU A 106 -21.54 -2.29 -10.84
C GLU A 106 -22.80 -2.45 -10.01
N MET A 107 -22.70 -2.26 -8.71
CA MET A 107 -23.86 -2.48 -7.84
C MET A 107 -24.77 -1.25 -7.74
N GLY A 108 -24.46 -0.22 -8.51
CA GLY A 108 -25.31 0.94 -8.60
C GLY A 108 -25.15 1.96 -7.49
N ALA A 109 -24.05 1.88 -6.76
CA ALA A 109 -23.83 2.81 -5.65
C ALA A 109 -23.64 4.23 -6.17
N ASN A 110 -24.25 5.20 -5.49
CA ASN A 110 -23.97 6.60 -5.74
C ASN A 110 -22.58 6.92 -5.22
N LEU A 111 -21.64 7.17 -6.13
CA LEU A 111 -20.23 7.08 -5.78
C LEU A 111 -19.48 8.39 -5.93
N LEU A 112 -18.48 8.57 -5.07
CA LEU A 112 -17.59 9.72 -5.12
C LEU A 112 -16.20 9.25 -4.71
N LEU A 113 -15.19 9.65 -5.48
CA LEU A 113 -13.85 9.14 -5.29
C LEU A 113 -12.98 10.15 -4.55
N ALA A 114 -12.47 9.74 -3.40
CA ALA A 114 -11.51 10.54 -2.64
C ALA A 114 -10.12 9.96 -2.86
N LEU A 115 -9.29 10.73 -3.56
CA LEU A 115 -7.98 10.30 -4.00
C LEU A 115 -6.93 10.81 -3.02
N ASN A 116 -6.59 9.94 -2.07
CA ASN A 116 -5.75 10.29 -0.94
C ASN A 116 -4.26 10.08 -1.18
N LYS A 117 -3.45 10.61 -0.26
CA LYS A 117 -2.00 10.48 -0.31
C LYS A 117 -1.40 11.18 -1.51
N MET A 118 -1.98 12.31 -1.91
CA MET A 118 -1.47 13.05 -3.05
C MET A 118 -0.07 13.57 -2.76
N ASP A 119 0.22 13.83 -1.50
CA ASP A 119 1.54 14.29 -1.11
C ASP A 119 2.59 13.18 -1.35
N LEU A 120 2.21 11.94 -1.09
CA LEU A 120 3.11 10.81 -1.34
C LEU A 120 3.37 10.68 -2.84
N ALA A 121 2.30 10.73 -3.63
CA ALA A 121 2.44 10.67 -5.08
C ALA A 121 3.40 11.75 -5.57
N LYS A 122 3.18 12.98 -5.11
CA LYS A 122 4.03 14.10 -5.50
C LYS A 122 5.50 13.83 -5.22
N SER A 123 5.80 13.36 -4.01
CA SER A 123 7.18 13.15 -3.60
C SER A 123 7.83 11.96 -4.31
N LEU A 124 7.01 11.09 -4.90
CA LEU A 124 7.51 9.93 -5.61
C LEU A 124 7.43 10.11 -7.12
N GLY A 125 7.12 11.34 -7.54
CA GLY A 125 7.13 11.70 -8.95
C GLY A 125 5.97 11.14 -9.76
N ILE A 126 4.97 10.61 -9.08
CA ILE A 126 3.81 10.02 -9.74
C ILE A 126 2.75 11.09 -10.03
N GLU A 127 2.38 11.22 -11.30
CA GLU A 127 1.40 12.22 -11.71
C GLU A 127 0.04 11.59 -11.99
N ILE A 128 -1.01 12.14 -11.39
CA ILE A 128 -2.36 11.67 -11.65
C ILE A 128 -3.16 12.76 -12.35
N ASP A 129 -3.66 12.46 -13.54
CA ASP A 129 -4.54 13.40 -14.22
C ASP A 129 -5.96 13.24 -13.69
N VAL A 130 -6.32 14.06 -12.70
CA VAL A 130 -7.62 13.96 -12.04
C VAL A 130 -8.78 14.23 -13.00
N ASP A 131 -8.62 15.23 -13.86
CA ASP A 131 -9.68 15.60 -14.78
C ASP A 131 -9.96 14.49 -15.79
N LYS A 132 -8.92 13.75 -16.14
CA LYS A 132 -9.03 12.65 -17.09
C LYS A 132 -9.61 11.41 -16.43
N LEU A 133 -9.20 11.17 -15.19
CA LEU A 133 -9.73 10.05 -14.42
C LEU A 133 -11.23 10.24 -14.21
N GLU A 134 -11.62 11.48 -13.96
CA GLU A 134 -13.00 11.84 -13.73
C GLU A 134 -13.83 11.58 -14.98
N LYS A 135 -13.32 12.05 -16.11
CA LYS A 135 -14.02 11.90 -17.39
C LYS A 135 -14.24 10.44 -17.75
N ILE A 136 -13.19 9.63 -17.63
CA ILE A 136 -13.27 8.21 -17.94
C ILE A 136 -14.29 7.47 -17.08
N LEU A 137 -14.16 7.62 -15.76
CA LEU A 137 -15.00 6.90 -14.80
C LEU A 137 -16.45 7.37 -14.81
N GLY A 138 -16.65 8.68 -14.91
CA GLY A 138 -17.97 9.25 -14.81
C GLY A 138 -18.31 9.51 -13.35
N VAL A 139 -17.29 9.48 -12.51
CA VAL A 139 -17.46 9.74 -11.08
C VAL A 139 -16.58 10.93 -10.70
N LYS A 140 -17.07 11.74 -9.76
CA LYS A 140 -16.30 12.89 -9.30
C LYS A 140 -15.09 12.45 -8.47
N VAL A 141 -13.97 13.13 -8.67
CA VAL A 141 -12.72 12.78 -7.99
C VAL A 141 -12.20 13.94 -7.15
N VAL A 142 -11.97 13.70 -5.87
CA VAL A 142 -11.45 14.74 -4.99
C VAL A 142 -10.03 14.41 -4.55
N PRO A 143 -9.04 15.19 -5.02
CA PRO A 143 -7.65 14.97 -4.63
C PRO A 143 -7.39 15.48 -3.22
N LEU A 144 -6.77 14.68 -2.36
CA LEU A 144 -6.44 15.20 -1.04
C LEU A 144 -5.23 14.54 -0.40
N SER A 145 -4.76 15.14 0.69
CA SER A 145 -3.73 14.54 1.52
C SER A 145 -4.20 14.64 2.95
N ALA A 146 -4.89 13.61 3.41
CA ALA A 146 -5.63 13.68 4.67
C ALA A 146 -4.75 13.79 5.91
N ALA A 147 -3.56 13.21 5.87
CA ALA A 147 -2.64 13.30 6.99
C ALA A 147 -2.08 14.72 7.13
N LYS A 148 -2.09 15.48 6.04
CA LYS A 148 -1.67 16.88 6.08
C LYS A 148 -2.89 17.80 6.20
N LYS A 149 -4.05 17.19 6.40
CA LYS A 149 -5.32 17.91 6.50
C LYS A 149 -5.51 18.87 5.35
N MET A 150 -5.17 18.42 4.15
CA MET A 150 -5.34 19.22 2.95
C MET A 150 -6.39 18.59 2.05
N GLY A 151 -7.37 19.39 1.64
CA GLY A 151 -8.43 18.95 0.74
C GLY A 151 -9.64 18.41 1.46
N ILE A 152 -9.69 18.60 2.78
CA ILE A 152 -10.80 18.10 3.59
C ILE A 152 -12.08 18.90 3.39
N GLU A 153 -11.96 20.21 3.25
CA GLU A 153 -13.13 21.04 2.99
C GLU A 153 -13.62 20.80 1.57
N GLU A 154 -12.70 20.54 0.64
CA GLU A 154 -13.11 20.19 -0.71
C GLU A 154 -13.96 18.92 -0.68
N LEU A 155 -13.52 17.95 0.11
CA LEU A 155 -14.25 16.69 0.25
C LEU A 155 -15.64 16.94 0.83
N LYS A 156 -15.73 17.74 1.89
CA LYS A 156 -17.04 18.08 2.45
C LYS A 156 -17.94 18.72 1.41
N LYS A 157 -17.35 19.53 0.55
CA LYS A 157 -18.12 20.24 -0.45
C LYS A 157 -18.58 19.30 -1.55
N ALA A 158 -17.68 18.46 -2.02
CA ALA A 158 -17.99 17.49 -3.06
C ALA A 158 -19.07 16.55 -2.57
N ILE A 159 -18.95 16.13 -1.31
CA ILE A 159 -19.99 15.28 -0.71
C ILE A 159 -21.38 15.93 -0.75
N SER A 160 -21.48 17.16 -0.26
CA SER A 160 -22.78 17.83 -0.19
C SER A 160 -23.45 18.02 -1.56
N ILE A 161 -22.67 18.06 -2.63
CA ILE A 161 -23.22 18.17 -3.97
C ILE A 161 -23.61 16.79 -4.47
N ALA A 162 -22.76 15.80 -4.20
CA ALA A 162 -22.98 14.44 -4.66
C ALA A 162 -24.21 13.74 -4.08
N VAL A 163 -24.63 14.11 -2.88
CA VAL A 163 -25.79 13.44 -2.26
C VAL A 163 -27.09 13.84 -2.93
N LYS A 164 -27.05 14.94 -3.67
CA LYS A 164 -28.22 15.44 -4.37
C LYS A 164 -28.25 14.89 -5.79
N ASP A 165 -27.09 14.47 -6.27
CA ASP A 165 -26.97 13.82 -7.58
C ASP A 165 -27.31 12.34 -7.49
N MET B 1 32.79 -22.00 7.71
CA MET B 1 31.85 -21.95 6.59
C MET B 1 31.79 -20.55 6.01
N LYS B 2 31.67 -20.45 4.69
CA LYS B 2 31.64 -19.15 4.01
C LYS B 2 30.35 -18.47 4.38
N SER B 3 30.43 -17.19 4.73
CA SER B 3 29.23 -16.41 5.03
C SER B 3 29.16 -15.19 4.13
N TYR B 4 27.94 -14.75 3.85
CA TYR B 4 27.69 -13.53 3.09
C TYR B 4 26.81 -12.58 3.90
N GLU B 5 26.86 -11.30 3.57
CA GLU B 5 26.02 -10.29 4.22
C GLU B 5 24.90 -9.85 3.31
N ILE B 6 23.66 -9.99 3.77
CA ILE B 6 22.48 -9.67 3.00
C ILE B 6 21.67 -8.62 3.74
N ALA B 7 21.13 -7.64 3.00
CA ALA B 7 20.20 -6.70 3.61
C ALA B 7 18.86 -6.68 2.87
N LEU B 8 17.77 -6.66 3.64
CA LEU B 8 16.43 -6.48 3.08
C LEU B 8 16.07 -5.00 3.11
N ILE B 9 15.45 -4.50 2.04
CA ILE B 9 15.03 -3.10 2.00
C ILE B 9 13.81 -2.92 1.10
N GLY B 10 12.92 -2.01 1.47
CA GLY B 10 11.70 -1.83 0.71
C GLY B 10 10.78 -0.80 1.37
N ASN B 11 9.73 -0.42 0.64
CA ASN B 11 8.72 0.49 1.17
C ASN B 11 8.12 -0.08 2.45
N PRO B 12 7.48 0.79 3.25
CA PRO B 12 6.73 0.27 4.39
C PRO B 12 5.60 -0.67 3.94
N ASN B 13 5.37 -1.73 4.71
CA ASN B 13 4.21 -2.60 4.53
C ASN B 13 4.34 -3.60 3.38
N VAL B 14 5.54 -3.75 2.80
CA VAL B 14 5.67 -4.64 1.64
C VAL B 14 5.83 -6.11 2.01
N GLY B 15 6.05 -6.39 3.29
CA GLY B 15 6.26 -7.74 3.77
C GLY B 15 7.69 -8.05 4.16
N LYS B 16 8.45 -7.02 4.57
CA LYS B 16 9.84 -7.22 4.94
C LYS B 16 9.97 -8.18 6.11
N SER B 17 9.20 -7.97 7.17
CA SER B 17 9.29 -8.83 8.34
C SER B 17 8.82 -10.24 8.03
N THR B 18 7.75 -10.36 7.23
CA THR B 18 7.23 -11.68 6.87
C THR B 18 8.33 -12.46 6.17
N ILE B 19 9.06 -11.80 5.27
CA ILE B 19 10.14 -12.46 4.54
C ILE B 19 11.36 -12.73 5.44
N PHE B 20 11.73 -11.76 6.27
CA PHE B 20 12.80 -11.96 7.23
C PHE B 20 12.54 -13.20 8.07
N ASN B 21 11.37 -13.25 8.71
CA ASN B 21 11.00 -14.40 9.54
C ASN B 21 10.98 -15.72 8.78
N ALA B 22 10.45 -15.71 7.57
CA ALA B 22 10.38 -16.93 6.75
C ALA B 22 11.76 -17.42 6.31
N LEU B 23 12.69 -16.49 6.11
CA LEU B 23 14.05 -16.83 5.72
C LEU B 23 14.84 -17.35 6.92
N THR B 24 14.69 -16.70 8.07
CA THR B 24 15.58 -16.95 9.20
C THR B 24 14.92 -17.74 10.35
N GLY B 25 13.61 -17.91 10.27
CA GLY B 25 12.88 -18.61 11.32
C GLY B 25 12.70 -17.77 12.58
N GLU B 26 13.30 -16.59 12.59
CA GLU B 26 13.25 -15.70 13.74
C GLU B 26 11.83 -15.22 14.05
N ASN B 27 11.68 -14.52 15.18
CA ASN B 27 10.40 -13.93 15.57
C ASN B 27 9.22 -14.89 15.50
N VAL B 28 9.31 -15.98 16.25
CA VAL B 28 8.24 -16.98 16.29
C VAL B 28 6.92 -16.38 16.74
N VAL B 38 10.42 -8.13 21.66
CA VAL B 38 10.59 -7.15 20.60
C VAL B 38 11.20 -7.81 19.36
N GLU B 39 10.97 -7.21 18.19
CA GLU B 39 11.35 -7.83 16.92
C GLU B 39 12.85 -7.77 16.63
N LYS B 40 13.43 -8.93 16.32
CA LYS B 40 14.80 -9.00 15.86
C LYS B 40 14.89 -8.47 14.44
N LYS B 41 15.97 -7.77 14.13
CA LYS B 41 16.21 -7.30 12.75
C LYS B 41 17.46 -7.94 12.15
N GLU B 42 18.08 -8.85 12.89
CA GLU B 42 19.24 -9.57 12.41
C GLU B 42 19.09 -11.08 12.62
N GLY B 43 19.44 -11.84 11.60
CA GLY B 43 19.40 -13.29 11.70
C GLY B 43 20.19 -13.90 10.57
N GLU B 44 20.01 -15.20 10.37
CA GLU B 44 20.75 -15.90 9.34
C GLU B 44 20.01 -17.15 8.88
N PHE B 45 20.34 -17.61 7.69
CA PHE B 45 19.91 -18.92 7.22
C PHE B 45 21.06 -19.57 6.47
N GLU B 46 20.95 -20.86 6.24
CA GLU B 46 21.97 -21.61 5.54
C GLU B 46 21.37 -22.14 4.25
N TYR B 47 22.16 -22.16 3.17
CA TYR B 47 21.71 -22.75 1.93
C TYR B 47 22.88 -23.29 1.12
N ASN B 48 22.78 -24.55 0.71
CA ASN B 48 23.83 -25.21 -0.05
C ASN B 48 25.19 -25.01 0.59
N GLY B 49 25.25 -25.15 1.90
CA GLY B 49 26.51 -25.13 2.61
C GLY B 49 27.14 -23.77 2.89
N GLU B 50 26.39 -22.70 2.64
CA GLU B 50 26.88 -21.35 2.94
C GLU B 50 25.95 -20.61 3.90
N LYS B 51 26.53 -19.69 4.66
CA LYS B 51 25.74 -18.94 5.62
C LYS B 51 25.43 -17.54 5.11
N PHE B 52 24.18 -17.13 5.30
CA PHE B 52 23.71 -15.85 4.81
C PHE B 52 23.18 -15.05 5.99
N LYS B 53 23.90 -14.00 6.36
CA LYS B 53 23.46 -13.15 7.46
C LYS B 53 22.54 -12.07 6.93
N VAL B 54 21.38 -11.96 7.55
CA VAL B 54 20.35 -11.06 7.03
C VAL B 54 20.04 -9.93 8.00
N VAL B 55 20.02 -8.71 7.47
CA VAL B 55 19.52 -7.57 8.23
C VAL B 55 18.29 -6.99 7.56
N ASP B 56 17.29 -6.65 8.39
CA ASP B 56 16.05 -6.03 7.93
C ASP B 56 16.11 -4.53 8.20
N LEU B 57 16.36 -3.75 7.14
CA LEU B 57 16.43 -2.28 7.24
C LEU B 57 15.06 -1.61 7.35
N PRO B 58 15.02 -0.44 8.03
CA PRO B 58 13.80 0.35 8.21
C PRO B 58 13.08 0.58 6.88
N GLY B 59 11.76 0.51 6.89
CA GLY B 59 10.98 0.77 5.69
C GLY B 59 11.19 2.19 5.21
N VAL B 60 11.41 2.36 3.90
CA VAL B 60 11.66 3.67 3.32
C VAL B 60 11.04 3.75 1.93
N TYR B 61 10.67 4.95 1.50
CA TYR B 61 10.12 5.15 0.15
C TYR B 61 11.19 5.61 -0.82
N SER B 62 12.28 6.15 -0.28
CA SER B 62 13.40 6.63 -1.07
C SER B 62 14.62 6.82 -0.18
N LEU B 63 15.77 7.14 -0.76
CA LEU B 63 17.00 7.31 0.00
C LEU B 63 17.53 8.75 -0.11
N THR B 64 16.67 9.68 0.25
CA THR B 64 16.94 11.09 0.02
C THR B 64 17.09 11.87 1.34
N ALA B 65 17.51 11.17 2.40
CA ALA B 65 17.86 11.82 3.67
C ALA B 65 16.76 12.71 4.24
N ASN B 66 15.52 12.23 4.23
CA ASN B 66 14.43 13.04 4.77
C ASN B 66 13.89 12.52 6.11
N SER B 67 14.65 11.60 6.71
CA SER B 67 14.27 11.02 8.00
C SER B 67 15.41 10.13 8.48
N ILE B 68 15.38 9.74 9.76
CA ILE B 68 16.50 9.00 10.31
C ILE B 68 16.49 7.57 9.76
N ASP B 69 15.33 7.13 9.29
CA ASP B 69 15.20 5.82 8.67
C ASP B 69 15.90 5.80 7.32
N GLU B 70 15.68 6.84 6.52
CA GLU B 70 16.37 6.91 5.24
C GLU B 70 17.87 7.07 5.47
N ILE B 71 18.24 7.85 6.49
CA ILE B 71 19.64 8.04 6.84
C ILE B 71 20.29 6.71 7.24
N ILE B 72 19.62 5.97 8.13
CA ILE B 72 20.11 4.68 8.56
C ILE B 72 20.19 3.68 7.41
N ALA B 73 19.18 3.68 6.55
CA ALA B 73 19.15 2.70 5.46
C ALA B 73 20.28 3.00 4.48
N ARG B 74 20.40 4.27 4.12
CA ARG B 74 21.42 4.71 3.17
C ARG B 74 22.84 4.47 3.68
N ASP B 75 23.09 4.76 4.95
CA ASP B 75 24.40 4.53 5.53
C ASP B 75 24.77 3.06 5.42
N TYR B 76 23.81 2.19 5.76
CA TYR B 76 24.09 0.77 5.72
C TYR B 76 24.52 0.33 4.33
N ILE B 77 23.84 0.84 3.31
CA ILE B 77 24.10 0.37 1.96
C ILE B 77 25.41 0.89 1.41
N ILE B 78 25.69 2.17 1.68
CA ILE B 78 26.92 2.80 1.21
C ILE B 78 28.16 2.43 2.01
N ASN B 79 28.01 2.31 3.33
CA ASN B 79 29.17 2.08 4.19
C ASN B 79 29.40 0.62 4.61
N GLU B 80 28.33 -0.11 4.89
CA GLU B 80 28.48 -1.53 5.23
C GLU B 80 28.57 -2.43 4.00
N LYS B 81 28.20 -1.91 2.84
CA LYS B 81 28.47 -2.60 1.58
C LYS B 81 28.09 -4.08 1.59
N PRO B 82 26.80 -4.37 1.80
CA PRO B 82 26.32 -5.75 1.86
C PRO B 82 26.61 -6.46 0.53
N ASP B 83 26.89 -7.75 0.60
CA ASP B 83 27.13 -8.53 -0.60
C ASP B 83 25.94 -8.52 -1.54
N LEU B 84 24.75 -8.50 -0.96
CA LEU B 84 23.54 -8.42 -1.76
C LEU B 84 22.50 -7.56 -1.08
N VAL B 85 21.82 -6.72 -1.86
CA VAL B 85 20.64 -6.00 -1.38
C VAL B 85 19.38 -6.62 -1.98
N VAL B 86 18.55 -7.20 -1.11
CA VAL B 86 17.28 -7.79 -1.55
C VAL B 86 16.19 -6.73 -1.41
N ASN B 87 15.81 -6.16 -2.53
CA ASN B 87 14.82 -5.08 -2.58
C ASN B 87 13.44 -5.74 -2.67
N ILE B 88 12.69 -5.69 -1.57
CA ILE B 88 11.38 -6.33 -1.52
C ILE B 88 10.34 -5.34 -2.02
N VAL B 89 9.59 -5.77 -3.03
CA VAL B 89 8.65 -4.88 -3.70
C VAL B 89 7.24 -5.49 -3.71
N ASP B 90 6.22 -4.63 -3.63
CA ASP B 90 4.83 -5.07 -3.62
C ASP B 90 4.33 -5.17 -5.06
N ALA B 91 3.95 -6.38 -5.47
CA ALA B 91 3.44 -6.59 -6.83
C ALA B 91 2.22 -5.73 -7.14
N THR B 92 1.46 -5.35 -6.12
CA THR B 92 0.20 -4.64 -6.35
C THR B 92 0.37 -3.13 -6.40
N ALA B 93 1.60 -2.66 -6.25
CA ALA B 93 1.90 -1.23 -6.31
C ALA B 93 3.32 -1.02 -6.86
N LEU B 94 3.58 -1.62 -8.02
CA LEU B 94 4.93 -1.65 -8.57
C LEU B 94 5.52 -0.26 -8.78
N GLU B 95 4.80 0.62 -9.47
CA GLU B 95 5.35 1.95 -9.78
C GLU B 95 5.79 2.75 -8.55
N ARG B 96 4.97 2.78 -7.51
CA ARG B 96 5.35 3.44 -6.27
C ARG B 96 6.66 2.86 -5.73
N ASN B 97 6.74 1.53 -5.74
CA ASN B 97 7.90 0.81 -5.22
C ASN B 97 9.19 1.03 -6.03
N LEU B 98 9.05 1.12 -7.35
CA LEU B 98 10.20 1.17 -8.24
C LEU B 98 11.03 2.45 -8.10
N TYR B 99 10.48 3.46 -7.43
CA TYR B 99 11.19 4.70 -7.17
C TYR B 99 12.43 4.43 -6.33
N LEU B 100 12.26 3.69 -5.24
CA LEU B 100 13.37 3.27 -4.40
C LEU B 100 14.33 2.32 -5.15
N THR B 101 13.76 1.40 -5.92
CA THR B 101 14.55 0.50 -6.73
C THR B 101 15.56 1.24 -7.60
N LEU B 102 15.08 2.26 -8.32
CA LEU B 102 15.95 3.04 -9.20
C LEU B 102 17.08 3.74 -8.47
N GLN B 103 16.78 4.22 -7.26
CA GLN B 103 17.81 4.84 -6.43
C GLN B 103 18.88 3.84 -5.98
N LEU B 104 18.46 2.61 -5.65
CA LEU B 104 19.40 1.56 -5.28
C LEU B 104 20.31 1.23 -6.45
N MET B 105 19.74 1.16 -7.64
CA MET B 105 20.50 0.90 -8.86
C MET B 105 21.57 1.97 -9.12
N GLU B 106 21.21 3.23 -8.90
CA GLU B 106 22.14 4.33 -9.11
C GLU B 106 23.28 4.28 -8.09
N MET B 107 22.96 3.85 -6.87
CA MET B 107 23.95 3.69 -5.83
C MET B 107 24.98 2.64 -6.19
N GLY B 108 24.67 1.82 -7.18
CA GLY B 108 25.56 0.75 -7.58
C GLY B 108 25.48 -0.47 -6.68
N ALA B 109 24.40 -0.59 -5.93
CA ALA B 109 24.23 -1.75 -5.06
C ALA B 109 24.07 -3.01 -5.91
N ASN B 110 24.54 -4.14 -5.39
CA ASN B 110 24.29 -5.45 -5.99
C ASN B 110 22.88 -5.90 -5.63
N LEU B 111 22.02 -6.01 -6.65
CA LEU B 111 20.59 -6.06 -6.40
C LEU B 111 19.91 -7.32 -6.84
N LEU B 112 18.89 -7.69 -6.07
CA LEU B 112 17.95 -8.74 -6.41
C LEU B 112 16.57 -8.25 -5.99
N LEU B 113 15.58 -8.44 -6.85
CA LEU B 113 14.21 -8.02 -6.54
C LEU B 113 13.35 -9.17 -6.04
N ALA B 114 12.85 -9.04 -4.81
CA ALA B 114 11.86 -9.95 -4.27
C ALA B 114 10.48 -9.34 -4.52
N LEU B 115 9.73 -9.93 -5.45
CA LEU B 115 8.46 -9.37 -5.90
C LEU B 115 7.32 -10.03 -5.13
N ASN B 116 6.98 -9.42 -3.99
CA ASN B 116 6.08 -10.05 -3.03
C ASN B 116 4.59 -9.77 -3.28
N LYS B 117 3.75 -10.47 -2.54
CA LYS B 117 2.28 -10.31 -2.63
C LYS B 117 1.70 -10.68 -3.99
N MET B 118 2.30 -11.69 -4.63
CA MET B 118 1.79 -12.16 -5.92
C MET B 118 0.38 -12.74 -5.81
N ASP B 119 0.07 -13.34 -4.65
CA ASP B 119 -1.27 -13.87 -4.42
C ASP B 119 -2.32 -12.75 -4.49
N LEU B 120 -2.02 -11.63 -3.86
CA LEU B 120 -2.89 -10.46 -3.87
C LEU B 120 -3.08 -9.92 -5.30
N ALA B 121 -1.99 -9.83 -6.04
CA ALA B 121 -2.03 -9.33 -7.41
C ALA B 121 -2.92 -10.21 -8.28
N LYS B 122 -2.79 -11.52 -8.12
CA LYS B 122 -3.59 -12.45 -8.90
C LYS B 122 -5.09 -12.29 -8.60
N SER B 123 -5.41 -12.15 -7.33
CA SER B 123 -6.82 -12.02 -6.94
C SER B 123 -7.45 -10.68 -7.32
N LEU B 124 -6.62 -9.70 -7.66
CA LEU B 124 -7.11 -8.38 -8.09
C LEU B 124 -6.94 -8.15 -9.59
N GLY B 125 -6.63 -9.22 -10.32
CA GLY B 125 -6.45 -9.15 -11.76
C GLY B 125 -5.28 -8.28 -12.21
N ILE B 126 -4.26 -8.17 -11.36
CA ILE B 126 -3.08 -7.39 -11.72
C ILE B 126 -2.03 -8.28 -12.39
N GLU B 127 -1.72 -7.99 -13.65
CA GLU B 127 -0.79 -8.80 -14.42
C GLU B 127 0.61 -8.22 -14.35
N ILE B 128 1.58 -9.05 -13.98
CA ILE B 128 2.97 -8.62 -14.00
C ILE B 128 3.81 -9.53 -14.89
N ASP B 129 4.34 -8.97 -15.98
CA ASP B 129 5.26 -9.71 -16.84
C ASP B 129 6.61 -9.76 -16.15
N VAL B 130 6.87 -10.85 -15.44
CA VAL B 130 8.10 -11.00 -14.67
C VAL B 130 9.35 -10.93 -15.57
N ASP B 131 9.30 -11.61 -16.70
CA ASP B 131 10.42 -11.63 -17.63
C ASP B 131 10.74 -10.24 -18.19
N LYS B 132 9.70 -9.49 -18.56
CA LYS B 132 9.92 -8.15 -19.09
C LYS B 132 10.49 -7.21 -18.04
N LEU B 133 10.02 -7.34 -16.80
CA LEU B 133 10.52 -6.52 -15.71
C LEU B 133 12.02 -6.71 -15.54
N GLU B 134 12.46 -7.97 -15.52
CA GLU B 134 13.86 -8.29 -15.32
C GLU B 134 14.76 -7.65 -16.38
N LYS B 135 14.28 -7.63 -17.61
CA LYS B 135 15.09 -7.14 -18.72
C LYS B 135 15.18 -5.62 -18.73
N ILE B 136 14.08 -4.95 -18.37
CA ILE B 136 14.09 -3.50 -18.28
C ILE B 136 15.02 -3.02 -17.17
N LEU B 137 15.04 -3.74 -16.05
CA LEU B 137 15.88 -3.37 -14.92
C LEU B 137 17.30 -3.89 -15.05
N GLY B 138 17.44 -5.08 -15.64
CA GLY B 138 18.72 -5.75 -15.68
C GLY B 138 18.99 -6.35 -14.32
N VAL B 139 17.92 -6.74 -13.63
CA VAL B 139 18.02 -7.30 -12.30
C VAL B 139 17.13 -8.53 -12.18
N LYS B 140 17.61 -9.53 -11.45
CA LYS B 140 16.85 -10.76 -11.24
C LYS B 140 15.59 -10.48 -10.40
N VAL B 141 14.47 -11.08 -10.79
CA VAL B 141 13.19 -10.88 -10.10
C VAL B 141 12.62 -12.21 -9.63
N VAL B 142 12.39 -12.32 -8.32
CA VAL B 142 11.81 -13.55 -7.75
C VAL B 142 10.41 -13.32 -7.24
N PRO B 143 9.40 -13.87 -7.94
CA PRO B 143 8.03 -13.68 -7.45
C PRO B 143 7.78 -14.54 -6.22
N LEU B 144 7.03 -14.03 -5.26
CA LEU B 144 6.67 -14.83 -4.10
C LEU B 144 5.43 -14.32 -3.36
N SER B 145 4.90 -15.19 -2.51
CA SER B 145 3.80 -14.84 -1.62
C SER B 145 4.20 -15.25 -0.21
N ALA B 146 4.97 -14.39 0.43
CA ALA B 146 5.63 -14.73 1.70
C ALA B 146 4.68 -15.08 2.85
N ALA B 147 3.53 -14.41 2.91
CA ALA B 147 2.51 -14.71 3.92
C ALA B 147 1.91 -16.10 3.70
N LYS B 148 2.13 -16.66 2.53
CA LYS B 148 1.65 -18.02 2.21
C LYS B 148 2.83 -19.00 2.23
N LYS B 149 3.99 -18.50 2.66
CA LYS B 149 5.22 -19.27 2.62
C LYS B 149 5.45 -19.88 1.24
N MET B 150 5.06 -19.15 0.21
CA MET B 150 5.32 -19.57 -1.16
C MET B 150 6.48 -18.79 -1.77
N GLY B 151 7.47 -19.51 -2.31
CA GLY B 151 8.57 -18.88 -3.01
C GLY B 151 9.79 -18.55 -2.16
N ILE B 152 9.74 -18.92 -0.89
CA ILE B 152 10.89 -18.72 0.00
C ILE B 152 12.15 -19.46 -0.45
N GLU B 153 12.03 -20.71 -0.87
CA GLU B 153 13.24 -21.43 -1.31
C GLU B 153 13.78 -20.88 -2.62
N GLU B 154 12.90 -20.45 -3.53
CA GLU B 154 13.38 -19.79 -4.75
C GLU B 154 14.21 -18.55 -4.40
N LEU B 155 13.74 -17.81 -3.39
CA LEU B 155 14.43 -16.59 -2.97
C LEU B 155 15.81 -16.94 -2.41
N LYS B 156 15.86 -17.96 -1.57
CA LYS B 156 17.13 -18.39 -1.00
C LYS B 156 18.04 -18.80 -2.13
N LYS B 157 17.48 -19.49 -3.11
CA LYS B 157 18.28 -19.99 -4.22
C LYS B 157 18.82 -18.82 -5.02
N ALA B 158 17.95 -17.91 -5.42
CA ALA B 158 18.38 -16.73 -6.17
C ALA B 158 19.38 -15.88 -5.40
N ILE B 159 19.25 -15.82 -4.09
CA ILE B 159 20.20 -15.07 -3.27
C ILE B 159 21.59 -15.73 -3.34
N SER B 160 21.63 -17.06 -3.22
CA SER B 160 22.92 -17.75 -3.21
C SER B 160 23.66 -17.57 -4.54
N ILE B 161 22.91 -17.37 -5.62
CA ILE B 161 23.50 -17.15 -6.93
C ILE B 161 23.92 -15.70 -7.08
N ALA B 162 23.07 -14.80 -6.60
CA ALA B 162 23.31 -13.37 -6.73
C ALA B 162 24.57 -12.87 -6.03
N VAL B 163 24.91 -13.46 -4.88
CA VAL B 163 26.04 -12.97 -4.09
C VAL B 163 27.39 -13.17 -4.78
N LYS B 164 27.42 -14.06 -5.77
CA LYS B 164 28.65 -14.32 -6.51
C LYS B 164 28.74 -13.45 -7.76
N ASP B 165 27.74 -12.61 -7.96
CA ASP B 165 27.68 -11.74 -9.13
C ASP B 165 27.76 -10.28 -8.74
#